data_7XKW
#
_entry.id   7XKW
#
_cell.length_a   1.00
_cell.length_b   1.00
_cell.length_c   1.00
_cell.angle_alpha   90.00
_cell.angle_beta   90.00
_cell.angle_gamma   90.00
#
_symmetry.space_group_name_H-M   'P 1'
#
loop_
_entity.id
_entity.type
_entity.pdbx_description
1 polymer '(-)-cyperene synthase'
2 non-polymer 'S-[(2E,6E)-3,7,11-TRIMETHYLDODECA-2,6,10-TRIENYL] TRIHYDROGEN THIODIPHOSPHATE'
3 non-polymer 'MAGNESIUM ION'
#
_entity_poly.entity_id   1
_entity_poly.type   'polypeptide(L)'
_entity_poly.pdbx_seq_one_letter_code
;MGSSHHHHHHSSGLVPRGSHMMGRSSANFHPNVWGDRFVMMPSKEMETDASTKQRAEMLKQEVKKMLHDVSGSLQELNLI
NEIQRLGVAYHFEAEISNALERIYNREKNENGINDCDLHAVALRFRLLRQHGYNVSSDVFKKFKDENGEFEARFRNDVRG
LLSLYEAAYFGTQEDGHLDEAIAFTTKHLKSLLPHLSSPLSDLVKLALDLPLLKRIERLQSKHFISIYQQDEDRNNVLLE
FAKIDFNILQALHRKELNEITRWWNESDLPRKLPFIRDRLVECYIWMLELYYEPQYSQSRRMTTILLILTSSMDDIYDVY
GKLEELERYTVAVERWEREALDQLPDYMRVHLGVLLTVVENFEDELGKEGKSFHLAYVKKAFAELTKAYIKEARWANAEH
VPALEEYVDNAVVSSAYPLITTMSLLGMGKVATKEAFEWTISLPNAVRQCSMICRLVNDIMSNQSEQERVHVASAVQCCM
KEFSTTYEEACKILQEKIARAWKDLNKECLHPIPVSLELIRRPLNLARAIEFYYQCRDGYSDSAFEIKDYITMLLVEPAV
V
;
_entity_poly.pdbx_strand_id   A
#
# COMPACT_ATOMS: atom_id res chain seq x y z
N SER A 51 19.61 -13.37 -25.57
CA SER A 51 18.77 -13.94 -24.52
C SER A 51 17.58 -13.04 -24.22
N THR A 52 16.96 -13.26 -23.06
CA THR A 52 15.79 -12.47 -22.68
C THR A 52 16.16 -11.03 -22.34
N LYS A 53 17.34 -10.83 -21.74
CA LYS A 53 17.73 -9.48 -21.33
C LYS A 53 17.97 -8.57 -22.52
N GLN A 54 18.64 -9.06 -23.56
CA GLN A 54 18.86 -8.25 -24.75
C GLN A 54 17.54 -7.92 -25.43
N ARG A 55 16.61 -8.87 -25.45
CA ARG A 55 15.27 -8.64 -26.04
CA ARG A 55 15.27 -8.61 -26.04
C ARG A 55 14.52 -7.56 -25.23
N ALA A 56 14.66 -7.63 -23.90
CA ALA A 56 14.02 -6.63 -23.05
C ALA A 56 14.62 -5.25 -23.28
N GLU A 57 15.94 -5.15 -23.42
CA GLU A 57 16.57 -3.86 -23.69
C GLU A 57 16.15 -3.31 -25.06
N MET A 58 16.10 -4.17 -26.07
CA MET A 58 15.66 -3.70 -27.39
C MET A 58 14.22 -3.22 -27.34
N LEU A 59 13.35 -3.93 -26.61
CA LEU A 59 11.98 -3.47 -26.45
C LEU A 59 11.92 -2.15 -25.69
N LYS A 60 12.79 -1.99 -24.69
CA LYS A 60 12.83 -0.74 -23.93
C LYS A 60 13.20 0.44 -24.83
N GLN A 61 14.23 0.26 -25.66
CA GLN A 61 14.59 1.32 -26.60
C GLN A 61 13.49 1.58 -27.64
N GLU A 62 12.82 0.52 -28.10
CA GLU A 62 11.71 0.71 -29.03
C GLU A 62 10.59 1.53 -28.40
N VAL A 63 10.25 1.21 -27.15
CA VAL A 63 9.19 1.94 -26.46
C VAL A 63 9.62 3.38 -26.20
N LYS A 64 10.89 3.60 -25.87
CA LYS A 64 11.38 4.96 -25.68
C LYS A 64 11.27 5.76 -26.98
N LYS A 65 11.65 5.14 -28.11
CA LYS A 65 11.55 5.82 -29.40
C LYS A 65 10.11 6.16 -29.74
N MET A 66 9.19 5.21 -29.50
CA MET A 66 7.78 5.48 -29.77
C MET A 66 7.25 6.60 -28.88
N LEU A 67 7.59 6.60 -27.59
CA LEU A 67 7.12 7.63 -26.68
C LEU A 67 7.69 9.00 -27.07
N HIS A 68 8.93 9.04 -27.53
CA HIS A 68 9.49 10.28 -28.06
C HIS A 68 8.72 10.72 -29.30
N ASP A 69 8.40 9.78 -30.19
CA ASP A 69 7.72 10.11 -31.44
C ASP A 69 6.26 10.52 -31.24
N VAL A 70 5.66 10.20 -30.10
CA VAL A 70 4.26 10.58 -29.86
C VAL A 70 4.21 11.67 -28.79
N SER A 71 5.26 12.50 -28.74
CA SER A 71 5.42 13.43 -27.62
C SER A 71 4.28 14.42 -27.51
N GLY A 72 3.54 14.65 -28.58
CA GLY A 72 2.55 15.71 -28.57
C GLY A 72 1.09 15.29 -28.63
N SER A 73 0.83 14.00 -28.81
CA SER A 73 -0.52 13.53 -29.06
C SER A 73 -1.09 12.77 -27.85
N LEU A 74 -2.38 12.42 -27.96
CA LEU A 74 -3.02 11.59 -26.95
C LEU A 74 -2.40 10.20 -26.88
N GLN A 75 -1.75 9.77 -27.98
CA GLN A 75 -1.03 8.50 -27.97
C GLN A 75 0.00 8.46 -26.86
N GLU A 76 0.61 9.60 -26.53
CA GLU A 76 1.52 9.65 -25.39
C GLU A 76 0.81 9.31 -24.09
N LEU A 77 -0.36 9.89 -23.86
CA LEU A 77 -1.11 9.60 -22.64
C LEU A 77 -1.49 8.13 -22.57
N ASN A 78 -1.99 7.58 -23.68
CA ASN A 78 -2.38 6.18 -23.70
C ASN A 78 -1.19 5.27 -23.46
N LEU A 79 -0.04 5.57 -24.08
CA LEU A 79 1.14 4.75 -23.91
C LEU A 79 1.67 4.81 -22.48
N ILE A 80 1.68 5.99 -21.88
CA ILE A 80 2.12 6.11 -20.49
C ILE A 80 1.19 5.35 -19.56
N ASN A 81 -0.13 5.45 -19.80
CA ASN A 81 -1.07 4.70 -18.98
C ASN A 81 -0.85 3.20 -19.11
N GLU A 82 -0.65 2.71 -20.33
CA GLU A 82 -0.44 1.28 -20.53
C GLU A 82 0.90 0.83 -19.93
N ILE A 83 1.93 1.66 -19.97
CA ILE A 83 3.20 1.33 -19.34
C ILE A 83 3.02 1.23 -17.83
N GLN A 84 2.30 2.19 -17.24
CA GLN A 84 2.11 2.17 -15.79
C GLN A 84 1.27 0.98 -15.35
N ARG A 85 0.21 0.67 -16.10
CA ARG A 85 -0.68 -0.43 -15.71
C ARG A 85 -0.10 -1.80 -16.02
N LEU A 86 0.96 -1.88 -16.83
CA LEU A 86 1.60 -3.15 -17.17
C LEU A 86 2.74 -3.51 -16.22
N GLY A 87 3.00 -2.69 -15.21
CA GLY A 87 4.04 -2.98 -14.24
C GLY A 87 5.44 -2.71 -14.69
N VAL A 88 5.64 -1.86 -15.69
CA VAL A 88 6.96 -1.51 -16.19
C VAL A 88 7.21 0.00 -16.13
N ALA A 89 6.48 0.69 -15.24
CA ALA A 89 6.61 2.14 -15.16
C ALA A 89 7.97 2.57 -14.63
N TYR A 90 8.63 1.71 -13.84
CA TYR A 90 9.90 2.08 -13.24
C TYR A 90 11.05 2.07 -14.25
N HIS A 91 10.89 1.40 -15.39
CA HIS A 91 11.93 1.38 -16.40
C HIS A 91 12.07 2.72 -17.12
N PHE A 92 11.02 3.53 -17.14
CA PHE A 92 10.99 4.77 -17.90
C PHE A 92 10.71 5.96 -16.98
N GLU A 93 11.37 6.00 -15.82
CA GLU A 93 11.08 7.05 -14.86
C GLU A 93 11.43 8.43 -15.39
N ALA A 94 12.62 8.58 -15.98
CA ALA A 94 13.07 9.90 -16.41
C ALA A 94 12.24 10.41 -17.59
N GLU A 95 12.00 9.56 -18.59
CA GLU A 95 11.27 10.00 -19.77
C GLU A 95 9.81 10.30 -19.42
N ILE A 96 9.19 9.46 -18.59
CA ILE A 96 7.83 9.73 -18.16
C ILE A 96 7.76 11.01 -17.35
N SER A 97 8.74 11.24 -16.48
CA SER A 97 8.76 12.47 -15.70
C SER A 97 8.87 13.70 -16.61
N ASN A 98 9.74 13.64 -17.62
CA ASN A 98 9.87 14.75 -18.55
C ASN A 98 8.58 14.96 -19.35
N ALA A 99 7.95 13.88 -19.79
CA ALA A 99 6.71 14.00 -20.54
C ALA A 99 5.61 14.62 -19.69
N LEU A 100 5.51 14.20 -18.44
CA LEU A 100 4.49 14.77 -17.55
C LEU A 100 4.80 16.22 -17.23
N GLU A 101 6.08 16.59 -17.09
CA GLU A 101 6.43 17.99 -16.91
C GLU A 101 6.02 18.83 -18.11
N ARG A 102 6.27 18.33 -19.32
CA ARG A 102 5.85 19.05 -20.52
C ARG A 102 4.34 19.18 -20.59
N ILE A 103 3.61 18.12 -20.24
CA ILE A 103 2.15 18.17 -20.24
C ILE A 103 1.65 19.19 -19.25
N TYR A 104 2.25 19.22 -18.05
CA TYR A 104 1.83 20.19 -17.04
C TYR A 104 2.12 21.62 -17.49
N ASN A 105 3.27 21.84 -18.14
CA ASN A 105 3.62 23.19 -18.59
C ASN A 105 2.60 23.72 -19.59
N ARG A 106 2.15 22.88 -20.51
CA ARG A 106 1.14 23.26 -21.49
C ARG A 106 -0.28 23.01 -21.02
N GLU A 107 -0.50 22.94 -19.71
CA GLU A 107 -1.81 22.69 -19.13
C GLU A 107 -2.31 24.00 -18.49
N LYS A 108 -3.45 23.92 -17.80
CA LYS A 108 -4.12 25.05 -17.15
C LYS A 108 -4.67 26.06 -18.14
N ASN A 109 -5.07 25.61 -19.33
CA ASN A 109 -5.63 26.43 -20.40
C ASN A 109 -4.65 27.46 -20.94
N GLU A 110 -3.37 27.39 -20.54
CA GLU A 110 -2.38 28.32 -21.07
C GLU A 110 -2.16 28.08 -22.56
N ASN A 111 -1.91 26.83 -22.93
CA ASN A 111 -1.73 26.42 -24.33
C ASN A 111 -2.47 25.11 -24.59
N GLY A 112 -3.67 24.99 -24.04
CA GLY A 112 -4.45 23.78 -24.15
C GLY A 112 -5.61 23.87 -25.10
N ILE A 113 -5.67 22.96 -26.06
CA ILE A 113 -6.78 22.90 -27.00
C ILE A 113 -7.96 22.18 -26.35
N ASN A 114 -9.14 22.76 -26.50
CA ASN A 114 -10.35 22.19 -25.90
C ASN A 114 -10.61 20.80 -26.48
N ASP A 115 -10.67 19.79 -25.61
CA ASP A 115 -10.93 18.41 -26.01
C ASP A 115 -12.24 17.95 -25.37
N CYS A 116 -13.14 17.46 -26.21
CA CYS A 116 -14.42 16.93 -25.74
C CYS A 116 -14.34 15.46 -25.35
N ASP A 117 -13.18 14.83 -25.51
CA ASP A 117 -13.01 13.42 -25.18
C ASP A 117 -12.89 13.28 -23.66
N LEU A 118 -13.86 12.61 -23.04
CA LEU A 118 -13.77 12.34 -21.61
C LEU A 118 -12.56 11.48 -21.27
N HIS A 119 -12.26 10.49 -22.11
CA HIS A 119 -11.11 9.62 -21.86
C HIS A 119 -9.81 10.41 -21.81
N ALA A 120 -9.61 11.33 -22.77
CA ALA A 120 -8.35 12.05 -22.84
C ALA A 120 -8.12 12.90 -21.59
N VAL A 121 -9.11 13.73 -21.23
CA VAL A 121 -8.95 14.60 -20.08
C VAL A 121 -8.90 13.83 -18.77
N ALA A 122 -9.73 12.78 -18.62
CA ALA A 122 -9.67 11.96 -17.42
C ALA A 122 -8.34 11.26 -17.26
N LEU A 123 -7.78 10.70 -18.34
CA LEU A 123 -6.48 10.06 -18.27
C LEU A 123 -5.38 11.06 -17.97
N ARG A 124 -5.43 12.26 -18.58
CA ARG A 124 -4.44 13.28 -18.28
C ARG A 124 -4.50 13.68 -16.80
N PHE A 125 -5.69 13.91 -16.29
CA PHE A 125 -5.84 14.28 -14.88
C PHE A 125 -5.32 13.18 -13.96
N ARG A 126 -5.67 11.93 -14.26
CA ARG A 126 -5.24 10.82 -13.40
C ARG A 126 -3.74 10.60 -13.46
N LEU A 127 -3.13 10.79 -14.64
CA LEU A 127 -1.69 10.62 -14.76
C LEU A 127 -0.93 11.75 -14.08
N LEU A 128 -1.45 12.97 -14.18
CA LEU A 128 -0.77 14.10 -13.54
C LEU A 128 -0.93 14.07 -12.03
N ARG A 129 -2.10 13.63 -11.53
CA ARG A 129 -2.31 13.58 -10.09
C ARG A 129 -1.52 12.46 -9.44
N GLN A 130 -1.23 11.37 -10.15
CA GLN A 130 -0.39 10.30 -9.63
C GLN A 130 1.07 10.70 -9.48
N HIS A 131 1.49 11.78 -10.15
CA HIS A 131 2.89 12.19 -10.12
C HIS A 131 3.18 13.31 -9.14
N GLY A 132 2.15 14.01 -8.66
CA GLY A 132 2.35 15.05 -7.67
C GLY A 132 1.73 16.39 -8.02
N TYR A 133 1.58 16.65 -9.32
CA TYR A 133 1.08 17.95 -9.77
C TYR A 133 -0.33 18.20 -9.26
N ASN A 134 -0.56 19.41 -8.75
CA ASN A 134 -1.86 19.81 -8.19
C ASN A 134 -2.77 20.37 -9.28
N VAL A 135 -3.07 19.52 -10.27
CA VAL A 135 -4.01 19.93 -11.32
C VAL A 135 -5.41 20.03 -10.73
N SER A 136 -6.07 21.14 -11.01
CA SER A 136 -7.39 21.40 -10.45
C SER A 136 -8.42 20.45 -11.06
N SER A 137 -9.32 19.94 -10.20
CA SER A 137 -10.38 19.06 -10.66
C SER A 137 -11.56 19.88 -11.19
N ASP A 138 -11.27 20.81 -12.10
CA ASP A 138 -12.30 21.63 -12.72
C ASP A 138 -12.39 21.42 -14.23
N VAL A 139 -11.53 20.58 -14.80
CA VAL A 139 -11.62 20.28 -16.23
C VAL A 139 -12.86 19.46 -16.55
N PHE A 140 -13.51 18.90 -15.54
CA PHE A 140 -14.72 18.11 -15.72
C PHE A 140 -15.98 18.96 -15.75
N LYS A 141 -15.85 20.28 -15.67
CA LYS A 141 -17.01 21.16 -15.75
C LYS A 141 -17.63 21.13 -17.15
N LYS A 142 -16.83 20.82 -18.16
CA LYS A 142 -17.33 20.81 -19.54
C LYS A 142 -18.42 19.76 -19.72
N PHE A 143 -18.27 18.60 -19.09
CA PHE A 143 -19.22 17.51 -19.26
C PHE A 143 -20.42 17.62 -18.32
N LYS A 144 -20.39 18.54 -17.36
CA LYS A 144 -21.52 18.75 -16.46
C LYS A 144 -22.44 19.84 -17.00
N ASP A 145 -22.84 19.66 -18.27
CA ASP A 145 -23.69 20.65 -18.92
C ASP A 145 -25.12 20.58 -18.43
N GLU A 146 -25.66 19.38 -18.25
CA GLU A 146 -27.05 19.19 -17.83
C GLU A 146 -27.10 19.37 -16.32
N ASN A 147 -27.22 20.63 -15.88
CA ASN A 147 -27.24 20.98 -14.47
C ASN A 147 -26.01 20.42 -13.76
N GLY A 148 -26.20 19.90 -12.56
CA GLY A 148 -25.13 19.26 -11.83
C GLY A 148 -24.86 17.82 -12.19
N GLU A 149 -25.70 17.23 -13.04
CA GLU A 149 -25.57 15.85 -13.45
C GLU A 149 -24.80 15.75 -14.76
N PHE A 150 -24.06 14.65 -14.92
CA PHE A 150 -23.30 14.42 -16.13
C PHE A 150 -24.23 14.18 -17.32
N GLU A 151 -23.73 14.49 -18.51
CA GLU A 151 -24.53 14.37 -19.72
C GLU A 151 -24.90 12.91 -19.99
N ALA A 152 -26.09 12.71 -20.54
CA ALA A 152 -26.58 11.38 -20.84
C ALA A 152 -25.86 10.73 -22.02
N ARG A 153 -25.27 11.54 -22.92
CA ARG A 153 -24.58 10.97 -24.07
C ARG A 153 -23.37 10.15 -23.65
N PHE A 154 -22.94 10.27 -22.40
CA PHE A 154 -21.82 9.48 -21.88
C PHE A 154 -22.26 8.16 -21.25
N ARG A 155 -23.57 7.86 -21.21
CA ARG A 155 -24.00 6.59 -20.63
C ARG A 155 -23.49 5.40 -21.44
N ASN A 156 -23.47 5.54 -22.77
CA ASN A 156 -23.06 4.44 -23.63
C ASN A 156 -21.56 4.40 -23.89
N ASP A 157 -20.80 5.40 -23.41
CA ASP A 157 -19.35 5.44 -23.60
C ASP A 157 -18.69 4.72 -22.43
N VAL A 158 -18.50 3.40 -22.58
CA VAL A 158 -17.93 2.60 -21.50
C VAL A 158 -16.48 2.96 -21.24
N ARG A 159 -15.71 3.28 -22.28
CA ARG A 159 -14.31 3.64 -22.09
C ARG A 159 -14.17 4.94 -21.31
N GLY A 160 -14.88 5.99 -21.73
CA GLY A 160 -14.82 7.24 -21.00
C GLY A 160 -15.41 7.13 -19.60
N LEU A 161 -16.48 6.35 -19.46
CA LEU A 161 -17.06 6.14 -18.13
C LEU A 161 -16.06 5.47 -17.19
N LEU A 162 -15.37 4.43 -17.67
CA LEU A 162 -14.39 3.75 -16.82
C LEU A 162 -13.21 4.66 -16.50
N SER A 163 -12.77 5.46 -17.47
CA SER A 163 -11.69 6.40 -17.20
C SER A 163 -12.10 7.42 -16.14
N LEU A 164 -13.32 7.94 -16.23
CA LEU A 164 -13.81 8.86 -15.20
C LEU A 164 -13.93 8.17 -13.84
N TYR A 165 -14.35 6.90 -13.84
CA TYR A 165 -14.45 6.14 -12.59
C TYR A 165 -13.09 6.03 -11.93
N GLU A 166 -12.05 5.71 -12.70
CA GLU A 166 -10.73 5.56 -12.10
C GLU A 166 -10.13 6.90 -11.73
N ALA A 167 -10.46 7.97 -12.45
CA ALA A 167 -9.92 9.29 -12.12
C ALA A 167 -10.60 9.90 -10.91
N ALA A 168 -11.88 9.57 -10.67
CA ALA A 168 -12.63 10.21 -9.60
C ALA A 168 -12.12 9.82 -8.22
N TYR A 169 -11.65 8.59 -8.05
CA TYR A 169 -11.20 8.13 -6.74
C TYR A 169 -9.91 8.80 -6.30
N PHE A 170 -9.19 9.46 -7.21
CA PHE A 170 -7.95 10.14 -6.87
C PHE A 170 -8.16 11.54 -6.34
N GLY A 171 -9.40 11.99 -6.22
CA GLY A 171 -9.66 13.31 -5.69
C GLY A 171 -9.38 13.40 -4.20
N THR A 172 -9.20 14.63 -3.74
CA THR A 172 -8.90 14.93 -2.34
C THR A 172 -10.14 15.48 -1.66
N GLN A 173 -9.97 15.89 -0.41
CA GLN A 173 -11.09 16.44 0.36
C GLN A 173 -11.60 17.74 -0.25
N GLU A 174 -10.69 18.60 -0.72
CA GLU A 174 -11.08 19.88 -1.30
C GLU A 174 -11.39 19.78 -2.78
N ASP A 175 -11.11 18.64 -3.41
CA ASP A 175 -11.42 18.48 -4.83
C ASP A 175 -12.92 18.42 -5.05
N GLY A 176 -13.36 19.03 -6.15
CA GLY A 176 -14.77 19.05 -6.52
C GLY A 176 -14.96 18.32 -7.83
N HIS A 177 -16.22 18.03 -8.16
CA HIS A 177 -16.66 17.34 -9.37
C HIS A 177 -16.17 15.90 -9.42
N LEU A 178 -15.70 15.35 -8.30
CA LEU A 178 -15.17 13.99 -8.25
C LEU A 178 -15.89 13.15 -7.20
N ASP A 179 -17.12 13.51 -6.88
CA ASP A 179 -17.92 12.78 -5.89
C ASP A 179 -19.16 12.13 -6.49
N GLU A 180 -19.94 12.88 -7.28
CA GLU A 180 -21.11 12.29 -7.92
C GLU A 180 -20.71 11.46 -9.14
N ALA A 181 -19.49 11.67 -9.64
CA ALA A 181 -19.02 10.88 -10.77
C ALA A 181 -18.92 9.40 -10.42
N ILE A 182 -18.52 9.07 -9.19
CA ILE A 182 -18.43 7.68 -8.78
C ILE A 182 -19.79 7.01 -8.84
N ALA A 183 -20.82 7.67 -8.29
CA ALA A 183 -22.16 7.09 -8.32
C ALA A 183 -22.69 6.99 -9.74
N PHE A 184 -22.46 8.04 -10.55
CA PHE A 184 -22.89 8.03 -11.95
C PHE A 184 -22.30 6.83 -12.70
N THR A 185 -20.98 6.67 -12.60
CA THR A 185 -20.33 5.59 -13.32
C THR A 185 -20.72 4.23 -12.75
N THR A 186 -20.89 4.13 -11.43
CA THR A 186 -21.32 2.87 -10.85
C THR A 186 -22.68 2.45 -11.39
N LYS A 187 -23.64 3.38 -11.39
CA LYS A 187 -24.96 3.09 -11.91
C LYS A 187 -24.89 2.64 -13.36
N HIS A 188 -24.19 3.40 -14.21
CA HIS A 188 -24.21 3.07 -15.63
C HIS A 188 -23.40 1.83 -15.96
N LEU A 189 -22.28 1.60 -15.27
CA LEU A 189 -21.50 0.40 -15.50
C LEU A 189 -22.26 -0.84 -15.05
N LYS A 190 -22.98 -0.74 -13.93
CA LYS A 190 -23.82 -1.87 -13.51
C LYS A 190 -24.95 -2.10 -14.50
N SER A 191 -25.52 -1.02 -15.05
CA SER A 191 -26.59 -1.18 -16.02
C SER A 191 -26.10 -1.86 -17.29
N LEU A 192 -24.92 -1.47 -17.78
CA LEU A 192 -24.42 -1.98 -19.05
C LEU A 192 -23.55 -3.23 -18.91
N LEU A 193 -23.29 -3.69 -17.69
CA LEU A 193 -22.44 -4.87 -17.51
C LEU A 193 -23.01 -6.15 -18.09
N PRO A 194 -24.29 -6.53 -17.83
CA PRO A 194 -24.73 -7.87 -18.29
C PRO A 194 -24.67 -8.06 -19.80
N HIS A 195 -24.95 -7.03 -20.60
CA HIS A 195 -24.99 -7.15 -22.05
C HIS A 195 -23.77 -6.52 -22.73
N LEU A 196 -22.59 -6.67 -22.13
CA LEU A 196 -21.38 -6.05 -22.62
C LEU A 196 -20.38 -7.09 -23.09
N SER A 197 -19.55 -6.70 -24.06
CA SER A 197 -18.60 -7.62 -24.66
C SER A 197 -17.53 -8.03 -23.65
N SER A 198 -17.01 -9.25 -23.84
CA SER A 198 -16.10 -9.84 -22.85
C SER A 198 -14.82 -9.05 -22.62
N PRO A 199 -14.05 -8.65 -23.64
CA PRO A 199 -12.73 -8.07 -23.36
C PRO A 199 -12.79 -6.76 -22.59
N LEU A 200 -13.93 -6.06 -22.59
CA LEU A 200 -14.06 -4.84 -21.80
C LEU A 200 -14.94 -5.05 -20.56
N SER A 201 -15.84 -6.03 -20.59
CA SER A 201 -16.55 -6.41 -19.37
C SER A 201 -15.59 -6.97 -18.33
N ASP A 202 -14.48 -7.57 -18.78
CA ASP A 202 -13.45 -7.98 -17.84
C ASP A 202 -12.89 -6.78 -17.07
N LEU A 203 -12.60 -5.69 -17.80
CA LEU A 203 -12.13 -4.48 -17.12
C LEU A 203 -13.20 -3.89 -16.23
N VAL A 204 -14.46 -3.91 -16.68
CA VAL A 204 -15.54 -3.35 -15.87
C VAL A 204 -15.68 -4.13 -14.56
N LYS A 205 -15.65 -5.45 -14.63
CA LYS A 205 -15.71 -6.29 -13.44
C LYS A 205 -14.49 -6.14 -12.55
N LEU A 206 -13.30 -6.01 -13.13
CA LEU A 206 -12.09 -5.78 -12.35
C LEU A 206 -12.13 -4.43 -11.62
N ALA A 207 -12.73 -3.42 -12.24
CA ALA A 207 -12.75 -2.07 -11.67
C ALA A 207 -13.87 -1.88 -10.65
N LEU A 208 -15.02 -2.53 -10.85
CA LEU A 208 -16.14 -2.34 -9.93
C LEU A 208 -15.82 -2.85 -8.54
N ASP A 209 -14.97 -3.87 -8.42
CA ASP A 209 -14.59 -4.37 -7.11
C ASP A 209 -13.74 -3.35 -6.35
N LEU A 210 -12.69 -2.82 -7.01
CA LEU A 210 -11.79 -1.85 -6.41
C LEU A 210 -11.19 -0.98 -7.51
N PRO A 211 -11.08 0.33 -7.29
CA PRO A 211 -10.38 1.18 -8.26
C PRO A 211 -8.87 0.98 -8.19
N LEU A 212 -8.16 1.68 -9.08
CA LEU A 212 -6.71 1.59 -9.09
C LEU A 212 -6.09 2.20 -7.84
N LEU A 213 -6.79 3.14 -7.19
CA LEU A 213 -6.26 3.76 -5.99
C LEU A 213 -6.12 2.75 -4.85
N LYS A 214 -7.14 1.90 -4.67
CA LYS A 214 -7.18 0.97 -3.55
C LYS A 214 -6.68 -0.42 -3.93
N ARG A 215 -6.05 -0.58 -5.09
CA ARG A 215 -5.64 -1.89 -5.59
C ARG A 215 -4.12 -2.01 -5.53
N ILE A 216 -3.65 -3.13 -4.96
CA ILE A 216 -2.24 -3.45 -4.96
C ILE A 216 -1.73 -3.55 -6.40
N GLU A 217 -0.49 -3.11 -6.62
CA GLU A 217 -0.01 -2.88 -7.97
C GLU A 217 0.34 -4.19 -8.70
N ARG A 218 0.88 -5.18 -7.99
CA ARG A 218 1.32 -6.39 -8.66
C ARG A 218 0.15 -7.24 -9.14
N LEU A 219 -0.85 -7.46 -8.27
CA LEU A 219 -2.01 -8.26 -8.66
C LEU A 219 -2.80 -7.57 -9.77
N GLN A 220 -2.98 -6.24 -9.65
CA GLN A 220 -3.65 -5.50 -10.70
C GLN A 220 -2.86 -5.54 -12.00
N SER A 221 -1.53 -5.49 -11.92
CA SER A 221 -0.71 -5.60 -13.12
C SER A 221 -0.90 -6.96 -13.79
N LYS A 222 -0.94 -8.03 -12.99
CA LYS A 222 -1.19 -9.36 -13.55
C LYS A 222 -2.55 -9.43 -14.22
N HIS A 223 -3.58 -8.89 -13.57
CA HIS A 223 -4.92 -8.90 -14.15
C HIS A 223 -4.96 -8.10 -15.45
N PHE A 224 -4.29 -6.95 -15.50
CA PHE A 224 -4.30 -6.14 -16.70
C PHE A 224 -3.51 -6.79 -17.82
N ILE A 225 -2.40 -7.47 -17.51
CA ILE A 225 -1.69 -8.21 -18.54
C ILE A 225 -2.54 -9.35 -19.08
N SER A 226 -3.33 -10.00 -18.22
CA SER A 226 -4.26 -11.03 -18.68
C SER A 226 -5.38 -10.47 -19.54
N ILE A 227 -5.86 -9.27 -19.25
CA ILE A 227 -6.99 -8.69 -20.00
C ILE A 227 -6.50 -8.07 -21.30
N TYR A 228 -5.28 -7.52 -21.31
CA TYR A 228 -4.81 -6.71 -22.43
C TYR A 228 -4.62 -7.53 -23.69
N GLN A 229 -4.56 -8.86 -23.56
CA GLN A 229 -4.41 -9.72 -24.73
C GLN A 229 -5.64 -9.63 -25.64
N GLN A 230 -6.83 -9.63 -25.06
CA GLN A 230 -8.06 -9.65 -25.83
C GLN A 230 -8.39 -8.31 -26.50
N ASP A 231 -7.76 -7.22 -26.06
CA ASP A 231 -8.01 -5.94 -26.69
C ASP A 231 -7.43 -5.90 -28.11
N GLU A 232 -8.18 -5.32 -29.04
CA GLU A 232 -7.80 -5.27 -30.43
C GLU A 232 -7.08 -3.97 -30.79
N ASP A 233 -6.89 -3.06 -29.82
CA ASP A 233 -6.13 -1.84 -30.03
C ASP A 233 -4.91 -1.83 -29.11
N ARG A 234 -4.18 -2.94 -29.08
CA ARG A 234 -3.05 -3.09 -28.18
C ARG A 234 -1.73 -2.84 -28.92
N ASN A 235 -0.65 -2.81 -28.14
CA ASN A 235 0.71 -2.68 -28.66
C ASN A 235 1.45 -3.98 -28.36
N ASN A 236 2.03 -4.59 -29.39
CA ASN A 236 2.68 -5.89 -29.22
C ASN A 236 4.00 -5.78 -28.47
N VAL A 237 4.81 -4.75 -28.78
CA VAL A 237 6.12 -4.64 -28.15
C VAL A 237 5.97 -4.32 -26.67
N LEU A 238 5.03 -3.44 -26.32
CA LEU A 238 4.80 -3.13 -24.91
C LEU A 238 4.32 -4.36 -24.14
N LEU A 239 3.41 -5.12 -24.74
CA LEU A 239 2.93 -6.34 -24.08
C LEU A 239 4.04 -7.36 -23.90
N GLU A 240 4.90 -7.53 -24.91
CA GLU A 240 6.01 -8.46 -24.78
C GLU A 240 6.99 -8.00 -23.71
N PHE A 241 7.28 -6.70 -23.65
CA PHE A 241 8.17 -6.17 -22.62
C PHE A 241 7.59 -6.41 -21.23
N ALA A 242 6.28 -6.17 -21.06
CA ALA A 242 5.65 -6.44 -19.78
C ALA A 242 5.70 -7.92 -19.44
N LYS A 243 5.50 -8.79 -20.43
CA LYS A 243 5.55 -10.23 -20.18
C LYS A 243 6.92 -10.65 -19.70
N ILE A 244 7.98 -10.12 -20.31
CA ILE A 244 9.34 -10.48 -19.89
C ILE A 244 9.64 -9.93 -18.50
N ASP A 245 9.28 -8.66 -18.27
CA ASP A 245 9.57 -8.04 -16.98
C ASP A 245 8.83 -8.73 -15.84
N PHE A 246 7.58 -9.13 -16.08
CA PHE A 246 6.82 -9.85 -15.06
C PHE A 246 7.51 -11.16 -14.70
N ASN A 247 7.99 -11.88 -15.71
CA ASN A 247 8.67 -13.15 -15.44
C ASN A 247 9.94 -12.94 -14.61
N ILE A 248 10.74 -11.94 -14.98
CA ILE A 248 11.98 -11.70 -14.23
C ILE A 248 11.68 -11.28 -12.80
N LEU A 249 10.74 -10.36 -12.61
CA LEU A 249 10.42 -9.91 -11.26
C LEU A 249 9.81 -11.02 -10.42
N GLN A 250 8.97 -11.87 -11.03
CA GLN A 250 8.42 -13.01 -10.30
C GLN A 250 9.51 -13.99 -9.90
N ALA A 251 10.50 -14.21 -10.78
CA ALA A 251 11.61 -15.08 -10.43
C ALA A 251 12.37 -14.52 -9.22
N LEU A 252 12.64 -13.21 -9.23
CA LEU A 252 13.33 -12.60 -8.10
C LEU A 252 12.50 -12.72 -6.81
N HIS A 253 11.20 -12.46 -6.91
CA HIS A 253 10.33 -12.52 -5.74
C HIS A 253 10.27 -13.94 -5.16
N ARG A 254 10.21 -14.94 -6.04
CA ARG A 254 10.22 -16.32 -5.57
C ARG A 254 11.57 -16.73 -4.99
N LYS A 255 12.67 -16.17 -5.53
CA LYS A 255 13.99 -16.50 -5.00
C LYS A 255 14.18 -15.94 -3.60
N GLU A 256 13.69 -14.72 -3.34
CA GLU A 256 13.88 -14.12 -2.02
C GLU A 256 13.16 -14.91 -0.92
N LEU A 257 11.98 -15.45 -1.23
CA LEU A 257 11.23 -16.22 -0.24
C LEU A 257 12.01 -17.44 0.22
N ASN A 258 12.83 -18.03 -0.66
CA ASN A 258 13.64 -19.18 -0.27
C ASN A 258 14.63 -18.79 0.83
N GLU A 259 15.31 -17.65 0.66
CA GLU A 259 16.26 -17.21 1.67
C GLU A 259 15.55 -16.85 2.98
N ILE A 260 14.39 -16.21 2.89
CA ILE A 260 13.66 -15.86 4.10
C ILE A 260 13.21 -17.13 4.85
N THR A 261 12.70 -18.12 4.12
CA THR A 261 12.33 -19.39 4.73
C THR A 261 13.54 -20.10 5.34
N ARG A 262 14.70 -20.03 4.67
CA ARG A 262 15.91 -20.60 5.24
C ARG A 262 16.26 -19.92 6.56
N TRP A 263 16.17 -18.60 6.61
CA TRP A 263 16.45 -17.87 7.85
C TRP A 263 15.48 -18.29 8.95
N TRP A 264 14.20 -18.43 8.62
CA TRP A 264 13.23 -18.87 9.62
C TRP A 264 13.54 -20.28 10.12
N ASN A 265 13.92 -21.18 9.20
CA ASN A 265 14.24 -22.54 9.59
C ASN A 265 15.45 -22.59 10.51
N GLU A 266 16.48 -21.80 10.22
CA GLU A 266 17.68 -21.82 11.05
C GLU A 266 17.46 -21.14 12.39
N SER A 267 16.43 -20.29 12.50
CA SER A 267 16.19 -19.57 13.74
C SER A 267 15.65 -20.51 14.83
N ASP A 268 15.76 -20.05 16.07
CA ASP A 268 15.24 -20.80 17.21
C ASP A 268 13.76 -20.54 17.46
N LEU A 269 13.16 -19.62 16.71
CA LEU A 269 11.75 -19.28 16.94
C LEU A 269 10.79 -20.44 16.73
N PRO A 270 10.86 -21.23 15.66
CA PRO A 270 9.77 -22.21 15.44
C PRO A 270 9.86 -23.45 16.31
N ARG A 271 11.07 -23.93 16.60
CA ARG A 271 11.21 -25.19 17.35
C ARG A 271 10.66 -25.07 18.76
N LYS A 272 10.94 -23.97 19.44
CA LYS A 272 10.39 -23.72 20.76
C LYS A 272 9.29 -22.67 20.66
N LEU A 273 8.68 -22.33 21.81
CA LEU A 273 7.54 -21.41 21.87
C LEU A 273 6.48 -21.87 20.88
N PRO A 274 5.82 -22.99 21.15
CA PRO A 274 4.95 -23.62 20.13
C PRO A 274 3.76 -22.76 19.70
N PHE A 275 3.21 -21.94 20.60
CA PHE A 275 1.90 -21.36 20.35
C PHE A 275 1.91 -20.30 19.26
N ILE A 276 3.08 -19.82 18.84
CA ILE A 276 3.15 -18.80 17.81
C ILE A 276 2.56 -19.34 16.51
N ARG A 277 1.74 -18.50 15.86
CA ARG A 277 1.13 -18.87 14.56
C ARG A 277 2.07 -18.46 13.41
N ASP A 278 2.54 -19.40 12.58
CA ASP A 278 3.54 -19.09 11.51
C ASP A 278 2.92 -18.22 10.43
N ARG A 279 3.43 -17.01 10.22
CA ARG A 279 2.91 -16.07 9.21
C ARG A 279 4.07 -15.56 8.40
N LEU A 280 4.92 -16.43 7.91
CA LEU A 280 6.03 -15.98 7.04
C LEU A 280 5.51 -15.57 5.67
N VAL A 281 4.63 -16.35 5.04
CA VAL A 281 4.14 -16.04 3.66
C VAL A 281 3.31 -14.77 3.67
N GLU A 282 2.40 -14.64 4.61
CA GLU A 282 1.51 -13.49 4.61
C GLU A 282 2.24 -12.28 5.09
N CYS A 283 3.52 -12.41 5.47
CA CYS A 283 4.35 -11.26 5.90
C CYS A 283 5.23 -10.83 4.73
N TYR A 284 5.65 -11.71 3.84
CA TYR A 284 6.34 -11.36 2.57
C TYR A 284 5.42 -10.69 1.55
N ILE A 285 4.20 -11.16 1.39
CA ILE A 285 3.22 -10.60 0.41
C ILE A 285 2.81 -9.20 0.86
N TRP A 286 2.97 -8.87 2.11
CA TRP A 286 2.57 -7.55 2.62
C TRP A 286 3.74 -6.67 2.36
N MET A 287 4.94 -7.22 2.26
CA MET A 287 6.14 -6.41 1.94
C MET A 287 6.49 -6.63 0.48
N LEU A 288 5.60 -7.25 -0.30
CA LEU A 288 5.78 -7.37 -1.73
C LEU A 288 4.94 -6.36 -2.50
N GLU A 289 3.81 -5.92 -1.93
CA GLU A 289 2.98 -4.90 -2.52
C GLU A 289 3.27 -3.51 -1.99
N LEU A 290 4.08 -3.40 -0.93
CA LEU A 290 4.60 -2.08 -0.55
C LEU A 290 5.52 -1.53 -1.62
N TYR A 291 6.40 -2.37 -2.15
CA TYR A 291 7.38 -2.01 -3.16
C TYR A 291 8.01 -3.27 -3.70
N TYR A 292 8.01 -3.39 -5.03
CA TYR A 292 8.40 -4.61 -5.72
C TYR A 292 9.54 -4.43 -6.70
N GLU A 293 10.09 -3.22 -6.81
CA GLU A 293 11.18 -2.97 -7.74
C GLU A 293 12.42 -3.77 -7.33
N PRO A 294 13.26 -4.15 -8.30
CA PRO A 294 14.42 -4.99 -7.98
C PRO A 294 15.48 -4.27 -7.16
N GLN A 295 15.67 -2.97 -7.40
CA GLN A 295 16.71 -2.23 -6.70
C GLN A 295 16.44 -2.16 -5.20
N TYR A 296 15.19 -2.42 -4.79
CA TYR A 296 14.83 -2.45 -3.38
C TYR A 296 14.84 -3.85 -2.79
N SER A 297 15.49 -4.81 -3.47
CA SER A 297 15.48 -6.19 -3.00
C SER A 297 16.09 -6.30 -1.60
N GLN A 298 17.23 -5.64 -1.36
CA GLN A 298 17.84 -5.65 -0.04
C GLN A 298 16.92 -5.06 1.02
N SER A 299 16.00 -4.19 0.63
CA SER A 299 15.05 -3.62 1.57
C SER A 299 13.90 -4.55 1.91
N ARG A 300 13.71 -5.64 1.16
CA ARG A 300 12.63 -6.57 1.44
C ARG A 300 13.04 -7.73 2.32
N ARG A 301 14.33 -8.09 2.32
CA ARG A 301 14.84 -9.09 3.26
C ARG A 301 14.89 -8.57 4.68
N MET A 302 15.32 -7.32 4.86
CA MET A 302 15.58 -6.81 6.21
C MET A 302 14.28 -6.48 6.94
N THR A 303 13.23 -6.11 6.21
CA THR A 303 12.00 -5.70 6.87
C THR A 303 11.06 -6.88 7.12
N THR A 304 10.97 -7.80 6.16
CA THR A 304 10.12 -8.97 6.36
C THR A 304 10.62 -9.83 7.52
N ILE A 305 11.94 -9.86 7.74
CA ILE A 305 12.49 -10.58 8.88
C ILE A 305 12.04 -9.94 10.18
N LEU A 306 11.81 -8.62 10.14
CA LEU A 306 11.43 -7.87 11.34
C LEU A 306 9.93 -7.59 11.39
N LEU A 307 9.08 -8.19 10.54
CA LEU A 307 7.58 -8.08 10.62
C LEU A 307 7.03 -9.39 11.20
N ILE A 308 7.73 -10.48 11.10
CA ILE A 308 7.33 -11.72 11.80
C ILE A 308 7.61 -11.50 13.28
N LEU A 309 8.71 -10.87 13.63
CA LEU A 309 9.05 -10.56 15.04
C LEU A 309 8.04 -9.59 15.65
N THR A 310 7.54 -8.59 14.90
CA THR A 310 6.58 -7.59 15.42
C THR A 310 5.18 -8.16 15.51
N SER A 311 4.93 -9.31 14.91
CA SER A 311 3.60 -9.99 14.95
C SER A 311 3.66 -10.97 16.07
N SER A 312 4.71 -11.78 16.12
CA SER A 312 4.88 -12.74 17.23
C SER A 312 4.68 -11.97 18.52
N MET A 313 5.18 -10.74 18.55
CA MET A 313 5.05 -9.89 19.75
C MET A 313 3.58 -9.57 20.00
N ASP A 314 2.78 -9.35 18.97
CA ASP A 314 1.37 -8.94 19.21
C ASP A 314 0.69 -10.06 19.95
N ASP A 315 0.89 -11.23 19.42
CA ASP A 315 0.30 -12.43 20.07
C ASP A 315 0.86 -12.48 21.49
N ILE A 316 2.19 -12.45 21.66
CA ILE A 316 2.65 -12.60 23.04
C ILE A 316 1.88 -11.62 23.93
N TYR A 317 1.48 -10.46 23.46
CA TYR A 317 0.85 -9.51 24.43
C TYR A 317 -0.64 -9.72 24.64
N ASP A 318 -1.39 -10.43 23.78
CA ASP A 318 -2.89 -10.47 23.93
C ASP A 318 -3.45 -11.87 24.03
N VAL A 319 -3.02 -12.75 23.16
CA VAL A 319 -3.61 -14.12 23.16
C VAL A 319 -3.33 -14.75 24.53
N TYR A 320 -2.19 -14.44 25.12
CA TYR A 320 -1.85 -14.98 26.44
C TYR A 320 -0.93 -13.99 27.16
N GLY A 321 -0.53 -14.37 28.37
CA GLY A 321 0.30 -13.52 29.20
C GLY A 321 -0.51 -12.71 30.20
N LYS A 322 0.10 -12.55 31.38
CA LYS A 322 -0.53 -11.77 32.49
C LYS A 322 0.17 -10.42 32.53
N LEU A 323 -0.50 -9.38 32.99
CA LEU A 323 0.02 -8.03 32.80
C LEU A 323 1.30 -7.76 33.59
N GLU A 324 1.50 -8.50 34.68
CA GLU A 324 2.69 -8.31 35.55
C GLU A 324 3.88 -8.79 34.76
N GLU A 325 3.67 -9.85 34.04
CA GLU A 325 4.71 -10.46 33.24
C GLU A 325 4.98 -9.68 31.96
N LEU A 326 4.03 -8.86 31.51
CA LEU A 326 4.19 -8.05 30.31
C LEU A 326 4.75 -6.66 30.58
N GLU A 327 4.66 -6.16 31.81
CA GLU A 327 5.24 -4.87 32.16
C GLU A 327 6.75 -4.94 32.33
N ARG A 328 7.32 -6.15 32.40
CA ARG A 328 8.76 -6.34 32.43
C ARG A 328 9.34 -6.58 31.05
N TYR A 329 8.51 -6.89 30.05
CA TYR A 329 8.98 -6.97 28.68
C TYR A 329 9.18 -5.59 28.07
N THR A 330 8.31 -4.63 28.44
CA THR A 330 8.42 -3.28 27.89
C THR A 330 9.72 -2.61 28.32
N VAL A 331 10.08 -2.74 29.60
CA VAL A 331 11.31 -2.13 30.08
C VAL A 331 12.52 -2.81 29.46
N ALA A 332 12.44 -4.13 29.24
CA ALA A 332 13.55 -4.84 28.59
C ALA A 332 13.73 -4.38 27.16
N VAL A 333 12.63 -4.13 26.44
CA VAL A 333 12.72 -3.60 25.09
C VAL A 333 13.30 -2.19 25.12
N GLU A 334 12.83 -1.37 26.06
CA GLU A 334 13.30 0.02 26.15
C GLU A 334 14.80 0.09 26.42
N ARG A 335 15.30 -0.73 27.34
CA ARG A 335 16.71 -0.70 27.69
C ARG A 335 17.59 -1.19 26.53
N TRP A 336 17.17 -2.26 25.86
CA TRP A 336 17.88 -2.80 24.70
C TRP A 336 19.29 -3.28 25.05
N GLU A 337 19.39 -4.07 26.11
CA GLU A 337 20.61 -4.79 26.44
C GLU A 337 20.27 -6.24 26.78
N ARG A 338 21.23 -7.13 26.53
CA ARG A 338 21.02 -8.54 26.85
C ARG A 338 20.92 -8.77 28.35
N GLU A 339 21.54 -7.91 29.16
CA GLU A 339 21.51 -8.08 30.60
C GLU A 339 20.11 -7.96 31.17
N ALA A 340 19.22 -7.22 30.49
CA ALA A 340 17.83 -7.12 30.92
C ALA A 340 17.06 -8.41 30.67
N LEU A 341 17.62 -9.36 29.93
CA LEU A 341 16.96 -10.62 29.63
C LEU A 341 17.14 -11.66 30.72
N ASP A 342 18.00 -11.41 31.71
CA ASP A 342 18.29 -12.41 32.72
C ASP A 342 17.06 -12.72 33.58
N GLN A 343 16.30 -11.70 33.95
CA GLN A 343 15.16 -11.86 34.84
C GLN A 343 13.85 -12.14 34.11
N LEU A 344 13.84 -12.08 32.78
CA LEU A 344 12.62 -12.30 32.03
C LEU A 344 12.26 -13.78 31.98
N PRO A 345 10.99 -14.11 31.73
CA PRO A 345 10.61 -15.50 31.50
C PRO A 345 11.29 -16.06 30.26
N ASP A 346 11.23 -17.39 30.14
CA ASP A 346 12.01 -18.07 29.10
C ASP A 346 11.60 -17.64 27.70
N TYR A 347 10.31 -17.64 27.40
CA TYR A 347 9.87 -17.41 26.04
C TYR A 347 10.03 -15.94 25.63
N MET A 348 9.72 -15.02 26.55
CA MET A 348 10.01 -13.60 26.27
C MET A 348 11.50 -13.37 26.10
N ARG A 349 12.32 -14.02 26.93
CA ARG A 349 13.76 -13.89 26.80
C ARG A 349 14.23 -14.35 25.42
N VAL A 350 13.74 -15.51 24.97
CA VAL A 350 14.13 -16.02 23.66
C VAL A 350 13.67 -15.07 22.56
N HIS A 351 12.42 -14.61 22.61
CA HIS A 351 11.90 -13.74 21.57
C HIS A 351 12.71 -12.45 21.47
N LEU A 352 12.93 -11.77 22.61
CA LEU A 352 13.64 -10.51 22.55
C LEU A 352 15.13 -10.70 22.28
N GLY A 353 15.71 -11.84 22.66
CA GLY A 353 17.08 -12.13 22.26
C GLY A 353 17.22 -12.30 20.76
N VAL A 354 16.25 -12.98 20.14
CA VAL A 354 16.25 -13.11 18.69
C VAL A 354 16.10 -11.74 18.04
N LEU A 355 15.24 -10.89 18.61
CA LEU A 355 15.08 -9.54 18.08
C LEU A 355 16.39 -8.75 18.16
N LEU A 356 17.06 -8.82 19.31
CA LEU A 356 18.34 -8.12 19.46
C LEU A 356 19.36 -8.66 18.47
N THR A 357 19.41 -9.99 18.30
CA THR A 357 20.38 -10.59 17.39
C THR A 357 20.15 -10.14 15.96
N VAL A 358 18.88 -10.13 15.51
CA VAL A 358 18.63 -9.72 14.13
C VAL A 358 18.91 -8.23 13.94
N VAL A 359 18.60 -7.41 14.95
CA VAL A 359 18.89 -5.98 14.83
C VAL A 359 20.39 -5.73 14.74
N GLU A 360 21.19 -6.40 15.58
CA GLU A 360 22.63 -6.19 15.51
C GLU A 360 23.22 -6.77 14.22
N ASN A 361 22.65 -7.88 13.73
CA ASN A 361 23.09 -8.42 12.45
C ASN A 361 22.82 -7.44 11.32
N PHE A 362 21.65 -6.79 11.34
CA PHE A 362 21.35 -5.79 10.32
C PHE A 362 22.23 -4.54 10.47
N GLU A 363 22.60 -4.19 11.70
CA GLU A 363 23.58 -3.12 11.90
C GLU A 363 24.91 -3.47 11.26
N ASP A 364 25.36 -4.72 11.44
CA ASP A 364 26.63 -5.13 10.86
C ASP A 364 26.63 -5.00 9.34
N GLU A 365 25.48 -5.26 8.71
CA GLU A 365 25.42 -5.24 7.25
C GLU A 365 25.41 -3.81 6.70
N LEU A 366 24.76 -2.87 7.38
CA LEU A 366 24.73 -1.49 6.94
C LEU A 366 25.99 -0.71 7.33
N GLY A 367 26.89 -1.32 8.08
CA GLY A 367 28.14 -0.68 8.45
C GLY A 367 29.20 -0.71 7.37
N LYS A 368 28.98 -1.45 6.29
CA LYS A 368 29.96 -1.50 5.21
C LYS A 368 30.00 -0.17 4.45
N GLU A 369 28.84 0.47 4.25
CA GLU A 369 28.76 1.74 3.55
C GLU A 369 28.65 2.92 4.49
N GLY A 370 28.98 2.74 5.77
CA GLY A 370 28.96 3.81 6.72
C GLY A 370 27.59 4.38 7.02
N LYS A 371 26.56 3.54 7.09
CA LYS A 371 25.20 3.97 7.38
C LYS A 371 24.54 3.05 8.39
N SER A 372 25.28 2.65 9.43
CA SER A 372 24.71 1.80 10.47
C SER A 372 23.79 2.59 11.39
N PHE A 373 24.03 3.89 11.54
CA PHE A 373 23.28 4.70 12.50
C PHE A 373 21.79 4.75 12.17
N HIS A 374 21.39 4.36 10.96
CA HIS A 374 19.97 4.28 10.65
C HIS A 374 19.24 3.34 11.60
N LEU A 375 19.90 2.24 12.01
CA LEU A 375 19.26 1.33 12.95
C LEU A 375 19.23 1.88 14.37
N ALA A 376 19.90 3.00 14.63
CA ALA A 376 19.67 3.74 15.86
C ALA A 376 18.28 4.38 15.88
N TYR A 377 17.61 4.45 14.73
CA TYR A 377 16.24 4.92 14.65
C TYR A 377 15.21 3.81 14.75
N VAL A 378 15.57 2.58 14.37
CA VAL A 378 14.65 1.46 14.48
C VAL A 378 14.41 1.10 15.95
N LYS A 379 15.48 1.04 16.74
CA LYS A 379 15.35 0.71 18.16
C LYS A 379 14.39 1.66 18.86
N LYS A 380 14.46 2.96 18.52
CA LYS A 380 13.53 3.91 19.09
C LYS A 380 12.09 3.59 18.70
N ALA A 381 11.88 3.20 17.43
CA ALA A 381 10.53 2.90 16.97
C ALA A 381 9.92 1.76 17.76
N PHE A 382 10.66 0.65 17.92
CA PHE A 382 10.20 -0.45 18.74
C PHE A 382 9.93 -0.02 20.18
N ALA A 383 10.53 1.08 20.61
CA ALA A 383 10.24 1.62 21.94
C ALA A 383 8.77 2.04 22.06
N GLU A 384 8.23 2.72 21.05
CA GLU A 384 6.85 3.20 21.18
C GLU A 384 5.85 2.07 21.01
N LEU A 385 6.14 1.11 20.13
CA LEU A 385 5.20 0.02 19.87
C LEU A 385 4.86 -0.73 21.15
N THR A 386 5.88 -1.14 21.90
CA THR A 386 5.63 -1.83 23.16
C THR A 386 4.98 -0.91 24.19
N LYS A 387 5.15 0.41 24.04
CA LYS A 387 4.45 1.34 24.91
C LYS A 387 2.95 1.37 24.62
N ALA A 388 2.51 0.80 23.50
CA ALA A 388 1.08 0.80 23.11
C ALA A 388 0.49 -0.55 23.42
N TYR A 389 1.21 -1.60 23.15
CA TYR A 389 0.78 -2.97 23.50
C TYR A 389 0.58 -3.07 25.00
N ILE A 390 1.44 -2.47 25.84
CA ILE A 390 1.35 -2.56 27.33
C ILE A 390 0.18 -1.74 27.87
N LYS A 391 -0.39 -0.82 27.11
CA LYS A 391 -1.57 -0.12 27.58
C LYS A 391 -2.84 -0.94 27.34
N GLU A 392 -3.02 -1.45 26.13
CA GLU A 392 -4.23 -2.18 25.79
C GLU A 392 -4.42 -3.38 26.70
N ALA A 393 -3.34 -4.13 26.96
CA ALA A 393 -3.42 -5.26 27.87
C ALA A 393 -3.98 -4.84 29.23
N ARG A 394 -3.55 -3.69 29.74
CA ARG A 394 -4.09 -3.21 31.00
C ARG A 394 -5.59 -2.99 30.90
N TRP A 395 -6.05 -2.40 29.80
CA TRP A 395 -7.48 -2.23 29.59
C TRP A 395 -8.20 -3.57 29.57
N ALA A 396 -7.51 -4.63 29.14
CA ALA A 396 -8.09 -5.96 29.19
C ALA A 396 -8.32 -6.40 30.63
N ASN A 397 -7.39 -6.09 31.52
CA ASN A 397 -7.47 -6.59 32.90
C ASN A 397 -8.34 -5.70 33.77
N ALA A 398 -8.35 -4.40 33.51
CA ALA A 398 -9.12 -3.46 34.31
C ALA A 398 -10.61 -3.50 34.01
N GLU A 399 -11.03 -4.23 32.97
CA GLU A 399 -12.43 -4.26 32.53
C GLU A 399 -12.94 -2.84 32.27
N HIS A 400 -12.30 -2.19 31.31
CA HIS A 400 -12.59 -0.80 30.98
C HIS A 400 -12.72 -0.65 29.47
N VAL A 401 -13.62 0.22 29.05
CA VAL A 401 -13.85 0.49 27.62
C VAL A 401 -13.23 1.85 27.32
N PRO A 402 -12.11 1.91 26.60
CA PRO A 402 -11.47 3.20 26.33
C PRO A 402 -12.36 4.09 25.47
N ALA A 403 -12.18 5.40 25.64
CA ALA A 403 -12.83 6.36 24.75
C ALA A 403 -12.34 6.18 23.32
N LEU A 404 -13.20 6.54 22.37
CA LEU A 404 -12.88 6.27 20.97
C LEU A 404 -11.63 7.02 20.53
N GLU A 405 -11.51 8.30 20.88
CA GLU A 405 -10.36 9.09 20.44
C GLU A 405 -9.06 8.54 21.04
N GLU A 406 -9.07 8.26 22.34
CA GLU A 406 -7.87 7.71 22.98
C GLU A 406 -7.52 6.35 22.39
N TYR A 407 -8.53 5.50 22.17
CA TYR A 407 -8.27 4.18 21.62
C TYR A 407 -7.66 4.28 20.24
N VAL A 408 -8.19 5.18 19.40
CA VAL A 408 -7.65 5.34 18.05
C VAL A 408 -6.23 5.88 18.09
N ASP A 409 -5.98 6.86 18.97
CA ASP A 409 -4.64 7.42 19.08
C ASP A 409 -3.63 6.36 19.51
N ASN A 410 -4.02 5.48 20.44
CA ASN A 410 -3.12 4.41 20.85
C ASN A 410 -2.98 3.35 19.76
N ALA A 411 -4.06 3.07 19.03
CA ALA A 411 -4.04 2.00 18.05
C ALA A 411 -3.30 2.38 16.77
N VAL A 412 -3.17 3.67 16.50
CA VAL A 412 -2.32 4.10 15.38
C VAL A 412 -0.91 3.58 15.56
N VAL A 413 -0.37 3.50 16.78
CA VAL A 413 0.99 2.93 16.99
C VAL A 413 0.93 1.40 17.15
N SER A 414 -0.20 0.81 17.57
CA SER A 414 -0.32 -0.64 17.85
C SER A 414 -0.68 -1.43 16.60
N SER A 415 -0.56 -0.84 15.42
CA SER A 415 -0.85 -1.48 14.13
C SER A 415 0.49 -1.81 13.52
N ALA A 416 1.53 -1.12 13.91
CA ALA A 416 2.89 -1.37 13.43
C ALA A 416 2.97 -0.86 12.02
N TYR A 417 2.18 0.14 11.67
CA TYR A 417 2.33 0.77 10.34
C TYR A 417 3.31 1.90 10.59
N PRO A 418 3.31 2.63 11.71
CA PRO A 418 4.39 3.59 12.00
C PRO A 418 5.81 2.99 12.06
N LEU A 419 6.00 1.79 12.61
CA LEU A 419 7.30 1.06 12.61
C LEU A 419 7.63 0.59 11.20
N ILE A 420 6.64 0.15 10.40
CA ILE A 420 6.92 -0.41 9.04
C ILE A 420 7.25 0.74 8.10
N THR A 421 6.78 1.96 8.32
CA THR A 421 7.25 3.13 7.53
C THR A 421 8.68 3.55 7.88
N THR A 422 9.13 3.42 9.13
CA THR A 422 10.51 3.75 9.48
C THR A 422 11.48 2.66 9.06
N MET A 423 11.07 1.40 9.20
CA MET A 423 11.94 0.26 8.98
C MET A 423 12.08 -0.11 7.50
N SER A 424 11.28 0.51 6.62
CA SER A 424 11.40 0.21 5.19
C SER A 424 12.53 0.99 4.53
N LEU A 425 13.11 1.98 5.22
CA LEU A 425 14.18 2.79 4.65
C LEU A 425 15.54 2.13 4.73
N LEU A 426 15.63 0.92 5.28
CA LEU A 426 16.92 0.29 5.50
C LEU A 426 17.66 0.03 4.19
N GLY A 427 16.94 -0.41 3.16
CA GLY A 427 17.58 -0.81 1.92
C GLY A 427 17.52 0.21 0.80
N MET A 428 17.14 1.45 1.10
CA MET A 428 17.13 2.50 0.10
C MET A 428 18.51 3.13 0.01
N GLY A 429 19.03 3.25 -1.22
CA GLY A 429 20.41 3.67 -1.39
C GLY A 429 20.62 5.14 -1.08
N LYS A 430 19.99 6.03 -1.87
CA LYS A 430 20.21 7.46 -1.76
C LYS A 430 19.10 8.20 -1.04
N VAL A 431 17.86 7.68 -1.05
CA VAL A 431 16.76 8.32 -0.34
C VAL A 431 16.93 8.26 1.17
N ALA A 432 17.59 7.22 1.69
CA ALA A 432 17.74 7.02 3.13
C ALA A 432 18.75 8.02 3.67
N THR A 433 18.23 9.15 4.15
CA THR A 433 19.03 10.19 4.77
C THR A 433 18.52 10.45 6.18
N LYS A 434 19.32 11.19 6.96
CA LYS A 434 18.95 11.50 8.33
C LYS A 434 17.64 12.29 8.39
N GLU A 435 17.47 13.24 7.48
CA GLU A 435 16.23 14.02 7.46
C GLU A 435 15.02 13.13 7.20
N ALA A 436 15.17 12.16 6.29
CA ALA A 436 14.06 11.25 6.00
C ALA A 436 13.67 10.44 7.23
N PHE A 437 14.66 9.91 7.95
CA PHE A 437 14.36 9.12 9.15
C PHE A 437 13.74 9.99 10.24
N GLU A 438 14.23 11.22 10.41
CA GLU A 438 13.63 12.11 11.39
C GLU A 438 12.18 12.44 11.04
N TRP A 439 11.92 12.69 9.75
CA TRP A 439 10.56 12.93 9.30
C TRP A 439 9.67 11.72 9.56
N THR A 440 10.18 10.52 9.29
CA THR A 440 9.38 9.31 9.47
C THR A 440 9.07 9.08 10.95
N ILE A 441 10.06 9.28 11.83
CA ILE A 441 9.84 9.13 13.27
C ILE A 441 8.91 10.21 13.82
N SER A 442 8.94 11.41 13.27
CA SER A 442 8.09 12.51 13.74
C SER A 442 6.60 12.23 13.56
N LEU A 443 6.23 11.06 13.04
CA LEU A 443 4.85 10.64 12.82
C LEU A 443 4.09 11.66 11.98
N PRO A 444 4.39 11.78 10.69
CA PRO A 444 3.66 12.72 9.84
C PRO A 444 2.23 12.26 9.58
N ASN A 445 1.45 13.15 8.98
CA ASN A 445 0.06 12.84 8.71
C ASN A 445 -0.09 11.69 7.73
N ALA A 446 0.86 11.54 6.79
CA ALA A 446 0.78 10.46 5.82
C ALA A 446 0.85 9.10 6.50
N VAL A 447 1.74 8.96 7.49
CA VAL A 447 1.84 7.70 8.23
C VAL A 447 0.58 7.48 9.08
N ARG A 448 0.05 8.55 9.66
CA ARG A 448 -1.13 8.41 10.51
C ARG A 448 -2.35 7.96 9.70
N GLN A 449 -2.53 8.50 8.49
CA GLN A 449 -3.73 8.21 7.72
C GLN A 449 -3.70 6.84 7.05
N CYS A 450 -2.55 6.18 6.96
CA CYS A 450 -2.48 4.82 6.44
C CYS A 450 -2.67 3.78 7.52
N SER A 451 -2.54 4.15 8.80
CA SER A 451 -2.85 3.26 9.91
C SER A 451 -4.32 3.31 10.31
N MET A 452 -5.01 4.43 10.04
CA MET A 452 -6.43 4.52 10.34
C MET A 452 -7.22 3.44 9.63
N ILE A 453 -6.92 3.32 8.35
CA ILE A 453 -7.56 2.29 7.53
C ILE A 453 -7.19 0.95 8.14
N CYS A 454 -5.93 0.56 8.30
CA CYS A 454 -5.60 -0.72 8.98
C CYS A 454 -6.44 -0.86 10.27
N ARG A 455 -6.01 -0.36 11.41
CA ARG A 455 -6.88 -0.48 12.59
C ARG A 455 -8.37 -0.58 12.27
N LEU A 456 -9.03 0.40 11.67
CA LEU A 456 -10.51 0.42 11.60
C LEU A 456 -11.05 -0.76 10.78
N VAL A 457 -10.44 -1.11 9.64
CA VAL A 457 -10.90 -2.31 8.87
C VAL A 457 -10.65 -3.61 9.64
N ASN A 458 -9.43 -3.96 10.07
CA ASN A 458 -9.18 -5.15 10.93
C ASN A 458 -10.27 -5.19 11.98
N ASP A 459 -10.17 -4.39 13.02
CA ASP A 459 -11.27 -4.30 14.01
C ASP A 459 -12.58 -4.81 13.42
N ILE A 460 -13.21 -4.12 12.47
CA ILE A 460 -14.54 -4.58 11.96
C ILE A 460 -14.49 -6.07 11.64
N MET A 461 -13.46 -6.53 10.93
CA MET A 461 -13.35 -7.97 10.52
C MET A 461 -13.02 -8.96 11.65
N SER A 462 -12.08 -8.66 12.54
CA SER A 462 -11.61 -9.62 13.59
C SER A 462 -12.08 -9.28 15.02
N ASN A 463 -13.20 -8.57 15.21
CA ASN A 463 -13.68 -8.32 16.59
C ASN A 463 -14.62 -9.43 17.09
N GLN A 464 -14.86 -10.50 16.32
CA GLN A 464 -15.67 -11.58 16.86
C GLN A 464 -14.82 -12.73 17.38
N SER A 465 -13.74 -13.07 16.67
CA SER A 465 -12.96 -14.24 17.16
C SER A 465 -12.38 -13.91 18.55
N GLU A 466 -11.73 -12.77 18.72
CA GLU A 466 -11.01 -12.51 19.99
C GLU A 466 -11.97 -12.13 21.11
N GLN A 467 -12.97 -11.32 20.85
CA GLN A 467 -13.79 -10.84 22.00
C GLN A 467 -14.29 -12.00 22.88
N GLU A 468 -14.46 -13.21 22.35
CA GLU A 468 -14.87 -14.32 23.19
C GLU A 468 -13.88 -14.56 24.32
N ARG A 469 -12.58 -14.51 24.03
CA ARG A 469 -11.56 -14.65 25.04
C ARG A 469 -11.22 -13.31 25.67
N VAL A 470 -10.22 -13.29 26.55
CA VAL A 470 -9.82 -12.01 27.23
C VAL A 470 -8.97 -11.16 26.27
N HIS A 471 -9.55 -10.10 25.68
CA HIS A 471 -8.82 -9.27 24.70
C HIS A 471 -9.26 -7.81 24.89
N VAL A 472 -8.48 -6.86 24.37
CA VAL A 472 -8.78 -5.40 24.52
C VAL A 472 -9.99 -5.06 23.68
N ALA A 473 -10.87 -4.23 24.21
CA ALA A 473 -12.04 -3.81 23.46
C ALA A 473 -11.64 -3.17 22.14
N SER A 474 -12.39 -3.50 21.08
CA SER A 474 -12.12 -2.98 19.75
C SER A 474 -12.85 -1.67 19.51
N ALA A 475 -12.60 -1.07 18.35
CA ALA A 475 -13.12 0.26 18.06
C ALA A 475 -14.65 0.26 17.98
N VAL A 476 -15.24 -0.81 17.46
CA VAL A 476 -16.69 -0.86 17.35
C VAL A 476 -17.34 -0.88 18.73
N GLN A 477 -16.78 -1.65 19.67
CA GLN A 477 -17.30 -1.65 21.03
C GLN A 477 -17.07 -0.30 21.71
N CYS A 478 -15.91 0.31 21.47
CA CYS A 478 -15.64 1.61 22.04
C CYS A 478 -16.65 2.66 21.57
N CYS A 479 -16.97 2.66 20.27
CA CYS A 479 -17.93 3.63 19.78
C CYS A 479 -19.37 3.29 20.15
N MET A 480 -19.68 2.01 20.37
CA MET A 480 -20.99 1.67 20.91
C MET A 480 -21.09 2.03 22.39
N LYS A 481 -19.95 2.23 23.06
CA LYS A 481 -19.98 2.61 24.47
C LYS A 481 -20.69 3.94 24.67
N GLU A 482 -20.32 4.95 23.88
CA GLU A 482 -20.99 6.26 23.98
C GLU A 482 -22.21 6.29 23.07
N PHE A 483 -23.17 7.15 23.43
CA PHE A 483 -24.45 7.29 22.74
C PHE A 483 -25.13 5.92 22.80
N SER A 484 -25.75 5.44 21.73
CA SER A 484 -26.35 4.11 21.71
C SER A 484 -26.45 3.65 20.26
N THR A 485 -25.59 2.71 19.88
CA THR A 485 -25.53 2.26 18.49
C THR A 485 -25.48 0.73 18.47
N THR A 486 -26.03 0.15 17.42
CA THR A 486 -25.97 -1.29 17.21
C THR A 486 -24.67 -1.66 16.49
N TYR A 487 -24.47 -2.97 16.33
CA TYR A 487 -23.24 -3.44 15.68
C TYR A 487 -23.17 -2.98 14.23
N GLU A 488 -24.28 -3.07 13.50
CA GLU A 488 -24.29 -2.66 12.10
C GLU A 488 -24.19 -1.15 11.96
N GLU A 489 -24.88 -0.42 12.83
CA GLU A 489 -24.85 1.04 12.76
C GLU A 489 -23.51 1.59 13.23
N ALA A 490 -22.78 0.86 14.06
CA ALA A 490 -21.42 1.26 14.39
C ALA A 490 -20.45 0.87 13.29
N CYS A 491 -20.70 -0.27 12.63
CA CYS A 491 -19.89 -0.68 11.50
C CYS A 491 -19.97 0.33 10.36
N LYS A 492 -21.16 0.87 10.09
CA LYS A 492 -21.28 1.88 9.05
C LYS A 492 -20.54 3.17 9.45
N ILE A 493 -20.56 3.54 10.73
CA ILE A 493 -19.81 4.70 11.18
C ILE A 493 -18.31 4.49 10.98
N LEU A 494 -17.81 3.31 11.34
CA LEU A 494 -16.39 3.02 11.14
C LEU A 494 -16.03 2.83 9.67
N GLN A 495 -17.01 2.56 8.80
CA GLN A 495 -16.78 2.51 7.37
C GLN A 495 -16.83 3.89 6.72
N GLU A 496 -17.52 4.84 7.34
CA GLU A 496 -17.52 6.21 6.85
C GLU A 496 -16.23 6.98 7.17
N LYS A 497 -15.34 6.39 7.96
CA LYS A 497 -14.07 7.03 8.28
C LYS A 497 -12.96 6.59 7.33
N ILE A 498 -13.08 5.40 6.76
CA ILE A 498 -12.06 4.90 5.83
C ILE A 498 -12.03 5.75 4.57
N ALA A 499 -13.20 6.21 4.10
CA ALA A 499 -13.23 7.08 2.93
C ALA A 499 -12.49 8.39 3.18
N ARG A 500 -12.73 9.01 4.34
CA ARG A 500 -12.02 10.24 4.67
C ARG A 500 -10.54 10.00 4.88
N ALA A 501 -10.16 8.84 5.44
CA ALA A 501 -8.75 8.51 5.55
C ALA A 501 -8.09 8.37 4.18
N TRP A 502 -8.76 7.73 3.23
CA TRP A 502 -8.23 7.64 1.87
C TRP A 502 -8.12 9.01 1.23
N LYS A 503 -9.12 9.86 1.41
CA LYS A 503 -9.08 11.20 0.81
C LYS A 503 -7.98 12.05 1.43
N ASP A 504 -7.72 11.88 2.74
CA ASP A 504 -6.61 12.59 3.38
C ASP A 504 -5.25 12.04 2.97
N LEU A 505 -5.15 10.73 2.73
CA LEU A 505 -3.90 10.17 2.23
C LEU A 505 -3.61 10.62 0.80
N ASN A 506 -4.64 10.82 -0.02
CA ASN A 506 -4.43 11.33 -1.38
C ASN A 506 -3.82 12.73 -1.38
N LYS A 507 -4.07 13.52 -0.33
CA LYS A 507 -3.59 14.90 -0.32
C LYS A 507 -2.10 14.99 -0.03
N GLU A 508 -1.56 14.05 0.75
CA GLU A 508 -0.18 14.18 1.22
C GLU A 508 0.85 13.90 0.14
N CYS A 509 0.46 13.28 -0.96
CA CYS A 509 1.39 12.86 -2.00
C CYS A 509 1.59 13.90 -3.09
N LEU A 510 1.36 15.18 -2.80
CA LEU A 510 1.49 16.23 -3.80
C LEU A 510 2.85 16.92 -3.66
N HIS A 511 3.05 17.97 -4.47
CA HIS A 511 4.33 18.67 -4.53
C HIS A 511 4.67 19.44 -3.25
N PRO A 512 3.68 19.99 -2.50
CA PRO A 512 4.00 20.50 -1.17
C PRO A 512 4.41 19.38 -0.23
N ILE A 513 5.59 18.82 -0.46
CA ILE A 513 6.03 17.59 0.19
C ILE A 513 7.35 17.86 0.89
N PRO A 514 7.58 17.31 2.09
CA PRO A 514 8.89 17.48 2.74
C PRO A 514 9.95 16.52 2.21
N VAL A 515 9.56 15.39 1.61
CA VAL A 515 10.48 14.34 1.22
C VAL A 515 10.24 14.00 -0.24
N SER A 516 10.96 12.99 -0.72
CA SER A 516 10.86 12.57 -2.11
C SER A 516 9.58 11.78 -2.35
N LEU A 517 9.31 11.50 -3.63
CA LEU A 517 8.12 10.74 -4.00
C LEU A 517 8.28 9.26 -3.66
N GLU A 518 9.49 8.73 -3.83
CA GLU A 518 9.74 7.32 -3.52
C GLU A 518 9.46 7.04 -2.05
N LEU A 519 9.80 7.99 -1.17
CA LEU A 519 9.57 7.79 0.27
C LEU A 519 8.09 7.91 0.61
N ILE A 520 7.38 8.82 -0.06
CA ILE A 520 5.98 9.07 0.29
C ILE A 520 5.06 8.02 -0.34
N ARG A 521 5.52 7.28 -1.35
CA ARG A 521 4.67 6.29 -1.98
C ARG A 521 4.32 5.14 -1.03
N ARG A 522 5.15 4.90 -0.02
CA ARG A 522 4.96 3.73 0.83
C ARG A 522 3.65 3.75 1.63
N PRO A 523 3.25 4.83 2.30
CA PRO A 523 1.95 4.79 3.01
C PRO A 523 0.77 4.43 2.12
N LEU A 524 0.78 4.89 0.86
CA LEU A 524 -0.30 4.54 -0.05
C LEU A 524 -0.36 3.03 -0.29
N ASN A 525 0.79 2.39 -0.50
CA ASN A 525 0.80 0.95 -0.70
C ASN A 525 0.44 0.20 0.57
N LEU A 526 0.84 0.72 1.73
CA LEU A 526 0.42 0.11 2.99
C LEU A 526 -1.09 0.16 3.15
N ALA A 527 -1.71 1.28 2.77
CA ALA A 527 -3.16 1.37 2.81
C ALA A 527 -3.81 0.43 1.80
N ARG A 528 -3.20 0.27 0.63
CA ARG A 528 -3.73 -0.66 -0.37
C ARG A 528 -3.66 -2.11 0.11
N ALA A 529 -2.67 -2.51 0.90
CA ALA A 529 -2.54 -3.96 1.25
C ALA A 529 -3.62 -4.46 2.20
N ILE A 530 -4.15 -3.65 3.10
CA ILE A 530 -5.29 -4.01 4.00
C ILE A 530 -6.55 -4.21 3.16
N GLU A 531 -6.75 -3.47 2.06
CA GLU A 531 -7.91 -3.62 1.14
C GLU A 531 -7.83 -4.94 0.37
N PHE A 532 -6.63 -5.39 -0.03
CA PHE A 532 -6.56 -6.74 -0.66
C PHE A 532 -6.92 -7.83 0.35
N TYR A 533 -6.30 -7.88 1.51
CA TYR A 533 -6.67 -8.88 2.55
C TYR A 533 -8.16 -8.85 2.75
N TYR A 534 -8.66 -7.77 3.30
CA TYR A 534 -10.09 -7.79 3.68
C TYR A 534 -10.98 -7.54 2.48
N GLN A 535 -11.00 -8.49 1.53
CA GLN A 535 -11.73 -8.33 0.25
C GLN A 535 -13.16 -8.87 0.39
N ILE A 547 -6.18 -16.90 0.65
CA ILE A 547 -5.43 -16.08 -0.29
C ILE A 547 -4.38 -16.91 -1.03
N LYS A 548 -4.66 -18.21 -1.16
CA LYS A 548 -3.73 -19.10 -1.84
C LYS A 548 -3.61 -18.76 -3.32
N ASP A 549 -4.62 -18.08 -3.88
CA ASP A 549 -4.53 -17.64 -5.28
C ASP A 549 -3.36 -16.70 -5.50
N TYR A 550 -3.11 -15.81 -4.54
CA TYR A 550 -1.97 -14.90 -4.64
C TYR A 550 -0.66 -15.67 -4.77
N ILE A 551 -0.47 -16.68 -3.93
CA ILE A 551 0.76 -17.48 -4.01
C ILE A 551 0.81 -18.23 -5.33
N THR A 552 -0.31 -18.81 -5.74
CA THR A 552 -0.24 -19.78 -6.84
C THR A 552 -0.11 -19.09 -8.20
N MET A 553 -0.64 -17.87 -8.36
CA MET A 553 -0.60 -17.32 -9.71
C MET A 553 0.13 -15.97 -9.77
N LEU A 554 0.62 -15.46 -8.63
CA LEU A 554 1.58 -14.36 -8.67
C LEU A 554 3.02 -14.82 -8.41
N LEU A 555 3.21 -16.01 -7.84
CA LEU A 555 4.55 -16.45 -7.48
C LEU A 555 4.91 -17.80 -8.10
N VAL A 556 3.90 -18.61 -8.40
CA VAL A 556 4.12 -19.96 -8.92
C VAL A 556 3.89 -20.03 -10.42
N GLU A 557 2.76 -19.48 -10.90
CA GLU A 557 2.41 -19.56 -12.31
C GLU A 557 2.97 -18.37 -13.05
N PRO A 558 3.89 -18.55 -13.99
CA PRO A 558 4.41 -17.42 -14.77
C PRO A 558 3.45 -17.02 -15.89
N ALA A 559 3.76 -15.89 -16.51
CA ALA A 559 2.99 -15.38 -17.63
C ALA A 559 3.57 -15.88 -18.95
N VAL A 560 2.70 -16.36 -19.82
CA VAL A 560 3.12 -16.90 -21.11
C VAL A 560 3.56 -15.77 -22.03
#